data_6ZDM
#
_entry.id   6ZDM
#
_cell.length_a   44.974
_cell.length_b   70.856
_cell.length_c   78.455
_cell.angle_alpha   90.000
_cell.angle_beta   97.128
_cell.angle_gamma   90.000
#
_symmetry.space_group_name_H-M   'P 1 21 1'
#
loop_
_entity.id
_entity.type
_entity.pdbx_description
1 polymer Heparanase
2 polymer Heparanase
3 non-polymer 2-acetamido-2-deoxy-beta-D-glucopyranose
4 non-polymer 1,2-ETHANEDIOL
5 non-polymer '(2~{S},3~{S},4~{R},5~{R},6~{S})-3-[(2~{R},3~{R},4~{R},5~{S},6~{R})-4,5-bis(oxidanyl)-3-(sulfoamino)-6-(sulfooxymethyl)oxan-2-yl]oxy-6-(4-methyl-2-oxidanylidene-chromen-7-yl)oxy-4,5-bis(oxidanyl)oxane-2-carboxylic acid'
6 non-polymer 'SULFATE ION'
7 water water
#
loop_
_entity_poly.entity_id
_entity_poly.type
_entity_poly.pdbx_seq_one_letter_code
_entity_poly.pdbx_strand_id
1 'polypeptide(L)'
;DPGKKFKNSTYSRSSVDVLYTFANCSGLDLIFGLNALLRTADLQWNSSNAQLLLDYCSSKGYNISWELGNEPNSFLKKAD
IFINGSQLGEDFIQLHKLLRKSTFKNAKLYGPDVGQPRRKTAKMLKSFLKAGGEVIDSVTWHHYYLNGRTATREDFLNPD
VLDIFISSVQKVFQVVESTRPGKKVWLGETSSAYGGGAPLLSDTFAAGFMWLDKLGLSARMGIEVVMRQVFFGAGNYHLV
DENFDPLPDYWLSLLFKKLVGTKVLMASVQGSKRRKLRVYLHCTNTDNPRYKEGDLTLYAINLHNVTKYLRLPYPFSNKQ
VDKYLLRPLGPHGLLSKSVQLNGLTLKMVDDQTLPPLMEKPLRPGSSLGLPAFSYSFFVIRNAKVAACI
;
AAA
2 'polypeptide(L)' DPGQDVVDLDFFTQEPLHLVSPSFLSVTIDANLATDPRFLILLGSPKLRTLARGLSPAYLRFGGTKTDFLIFDPKKE BBB
#
loop_
_chem_comp.id
_chem_comp.type
_chem_comp.name
_chem_comp.formula
EDO non-polymer 1,2-ETHANEDIOL 'C2 H6 O2'
NAG D-saccharide, beta linking 2-acetamido-2-deoxy-beta-D-glucopyranose 'C8 H15 N O6'
QG2 non-polymer '(2~{S},3~{S},4~{R},5~{R},6~{S})-3-[(2~{R},3~{R},4~{R},5~{S},6~{R})-4,5-bis(oxidanyl)-3-(sulfoamino)-6-(sulfooxymethyl)oxan-2-yl]oxy-6-(4-methyl-2-oxidanylidene-chromen-7-yl)oxy-4,5-bis(oxidanyl)oxane-2-carboxylic acid' 'C22 H27 N O19 S2'
SO4 non-polymer 'SULFATE ION' 'O4 S -2'
#
# COMPACT_ATOMS: atom_id res chain seq x y z
N LYS A 5 -12.65 10.67 23.67
CA LYS A 5 -13.23 10.91 22.32
C LYS A 5 -13.58 9.57 21.65
N PHE A 6 -12.63 8.62 21.66
CA PHE A 6 -12.75 7.26 21.06
C PHE A 6 -13.27 6.32 22.15
N LYS A 7 -14.36 5.60 21.88
CA LYS A 7 -15.04 4.74 22.87
C LYS A 7 -15.04 3.29 22.37
N ASN A 8 -15.03 2.32 23.28
CA ASN A 8 -15.14 0.86 22.98
C ASN A 8 -16.37 0.67 22.10
N SER A 9 -16.51 -0.49 21.46
CA SER A 9 -17.54 -0.75 20.43
C SER A 9 -17.54 -2.23 20.06
N THR A 10 -18.70 -2.90 20.07
CA THR A 10 -18.80 -4.36 19.81
C THR A 10 -18.99 -4.60 18.31
N TYR A 11 -18.75 -5.85 17.88
CA TYR A 11 -18.89 -6.30 16.48
C TYR A 11 -19.31 -7.77 16.49
N SER A 12 -20.13 -8.16 15.51
CA SER A 12 -20.86 -9.45 15.49
C SER A 12 -20.05 -10.50 14.72
N ARG A 13 -20.50 -11.74 14.75
CA ARG A 13 -19.98 -12.85 13.92
C ARG A 13 -20.26 -12.53 12.45
N SER A 14 -21.33 -11.79 12.19
CA SER A 14 -21.77 -11.37 10.84
C SER A 14 -20.75 -10.40 10.23
N SER A 15 -20.30 -9.41 11.03
CA SER A 15 -19.21 -8.45 10.70
C SER A 15 -18.01 -9.23 10.17
N VAL A 16 -17.57 -10.24 10.92
CA VAL A 16 -16.37 -11.07 10.59
C VAL A 16 -16.62 -11.80 9.27
N ASP A 17 -17.76 -12.51 9.15
CA ASP A 17 -18.13 -13.30 7.95
C ASP A 17 -18.24 -12.38 6.74
N VAL A 18 -18.87 -11.22 6.89
CA VAL A 18 -18.97 -10.17 5.83
C VAL A 18 -17.56 -9.91 5.29
N LEU A 19 -16.68 -9.45 6.18
CA LEU A 19 -15.27 -9.07 5.95
C LEU A 19 -14.47 -10.25 5.38
N TYR A 20 -14.65 -11.48 5.90
CA TYR A 20 -13.90 -12.67 5.42
C TYR A 20 -14.34 -13.02 3.98
N THR A 21 -15.64 -12.91 3.72
CA THR A 21 -16.26 -13.34 2.44
C THR A 21 -15.78 -12.37 1.35
N PHE A 22 -15.80 -11.07 1.67
CA PHE A 22 -15.34 -9.99 0.77
C PHE A 22 -13.90 -10.27 0.31
N ALA A 23 -12.99 -10.52 1.25
CA ALA A 23 -11.57 -10.87 0.98
C ALA A 23 -11.53 -12.18 0.16
N ASN A 24 -12.12 -13.25 0.70
CA ASN A 24 -12.05 -14.58 0.06
C ASN A 24 -12.56 -14.46 -1.38
N CYS A 25 -13.70 -13.81 -1.60
CA CYS A 25 -14.40 -13.76 -2.91
C CYS A 25 -13.75 -12.73 -3.85
N SER A 26 -12.90 -11.83 -3.30
CA SER A 26 -12.12 -10.84 -4.10
C SER A 26 -10.71 -11.36 -4.38
N GLY A 27 -10.30 -12.45 -3.72
CA GLY A 27 -9.00 -13.11 -3.88
C GLY A 27 -7.92 -12.39 -3.09
N LEU A 28 -8.24 -11.87 -1.89
CA LEU A 28 -7.31 -11.09 -1.04
C LEU A 28 -7.12 -11.78 0.31
N ASP A 29 -5.99 -11.53 0.96
CA ASP A 29 -5.55 -12.27 2.17
C ASP A 29 -5.82 -11.37 3.37
N LEU A 30 -6.83 -11.71 4.17
CA LEU A 30 -7.27 -10.81 5.24
C LEU A 30 -6.20 -10.82 6.32
N ILE A 31 -5.89 -9.61 6.80
CA ILE A 31 -5.09 -9.33 8.04
C ILE A 31 -6.01 -8.58 9.00
N PHE A 32 -6.11 -9.09 10.23
CA PHE A 32 -7.07 -8.59 11.26
C PHE A 32 -6.28 -8.05 12.44
N GLY A 33 -6.44 -6.76 12.74
CA GLY A 33 -5.91 -6.12 13.96
C GLY A 33 -6.78 -6.43 15.18
N LEU A 34 -6.14 -6.93 16.25
CA LEU A 34 -6.81 -7.26 17.54
C LEU A 34 -6.63 -6.07 18.50
N ASN A 35 -7.61 -5.86 19.37
CA ASN A 35 -7.64 -4.81 20.42
C ASN A 35 -6.50 -5.08 21.41
N ALA A 36 -5.47 -4.24 21.40
CA ALA A 36 -4.28 -4.32 22.27
C ALA A 36 -4.44 -3.41 23.50
N LEU A 37 -5.60 -2.79 23.68
CA LEU A 37 -5.85 -1.87 24.84
C LEU A 37 -6.71 -2.60 25.89
N LEU A 38 -7.06 -3.87 25.64
CA LEU A 38 -7.56 -4.82 26.67
C LEU A 38 -6.37 -5.24 27.54
N ARG A 39 -6.31 -4.72 28.76
CA ARG A 39 -5.19 -4.86 29.72
C ARG A 39 -5.63 -5.63 30.97
N THR A 40 -4.82 -6.59 31.42
CA THR A 40 -4.91 -7.17 32.79
C THR A 40 -4.52 -6.08 33.79
N ALA A 41 -4.68 -6.34 35.08
CA ALA A 41 -4.38 -5.38 36.18
C ALA A 41 -2.94 -4.89 36.05
N ASP A 42 -2.00 -5.85 35.91
CA ASP A 42 -0.52 -5.63 35.86
C ASP A 42 -0.15 -4.96 34.52
N LEU A 43 -1.14 -4.43 33.79
CA LEU A 43 -1.02 -3.66 32.52
C LEU A 43 -0.47 -4.58 31.41
N GLN A 44 -0.70 -5.89 31.55
CA GLN A 44 -0.38 -6.89 30.51
C GLN A 44 -1.60 -7.02 29.62
N TRP A 45 -1.48 -7.68 28.47
CA TRP A 45 -2.59 -7.82 27.50
C TRP A 45 -3.52 -8.92 27.97
N ASN A 46 -4.83 -8.64 27.99
CA ASN A 46 -5.92 -9.63 28.19
C ASN A 46 -6.32 -10.23 26.82
N SER A 47 -6.14 -11.55 26.67
CA SER A 47 -6.23 -12.30 25.39
C SER A 47 -7.57 -13.01 25.23
N SER A 48 -8.47 -12.90 26.20
CA SER A 48 -9.74 -13.70 26.27
C SER A 48 -10.65 -13.33 25.10
N ASN A 49 -10.88 -12.03 24.88
CA ASN A 49 -11.70 -11.53 23.74
C ASN A 49 -11.05 -12.06 22.46
N ALA A 50 -9.75 -11.84 22.29
CA ALA A 50 -8.97 -12.32 21.13
C ALA A 50 -9.12 -13.85 21.06
N GLN A 51 -9.06 -14.52 22.21
CA GLN A 51 -9.26 -15.99 22.36
C GLN A 51 -10.66 -16.37 21.83
N LEU A 52 -11.71 -15.64 22.20
CA LEU A 52 -13.06 -15.89 21.62
C LEU A 52 -12.99 -15.85 20.08
N LEU A 53 -12.34 -14.84 19.50
CA LEU A 53 -12.32 -14.56 18.03
C LEU A 53 -11.42 -15.56 17.28
N LEU A 54 -10.30 -15.97 17.87
CA LEU A 54 -9.50 -17.07 17.27
C LEU A 54 -10.41 -18.31 17.20
N ASP A 55 -11.05 -18.67 18.31
CA ASP A 55 -11.95 -19.86 18.42
C ASP A 55 -13.00 -19.82 17.30
N TYR A 56 -13.71 -18.70 17.13
CA TYR A 56 -14.80 -18.57 16.13
C TYR A 56 -14.26 -18.82 14.71
N CYS A 57 -13.20 -18.08 14.30
CA CYS A 57 -12.59 -18.14 12.94
C CYS A 57 -12.06 -19.54 12.63
N SER A 58 -11.45 -20.21 13.63
CA SER A 58 -10.89 -21.57 13.50
C SER A 58 -12.02 -22.59 13.29
N SER A 59 -13.13 -22.41 14.02
CA SER A 59 -14.36 -23.24 13.89
C SER A 59 -14.95 -23.11 12.48
N LYS A 60 -14.74 -21.96 11.81
CA LYS A 60 -15.39 -21.60 10.52
C LYS A 60 -14.47 -21.92 9.34
N GLY A 61 -13.20 -22.30 9.59
CA GLY A 61 -12.20 -22.55 8.53
C GLY A 61 -11.73 -21.26 7.87
N TYR A 62 -11.40 -20.25 8.66
CA TYR A 62 -10.99 -18.90 8.17
C TYR A 62 -9.46 -18.77 8.21
N ASN A 63 -8.82 -18.74 7.01
CA ASN A 63 -7.38 -18.46 6.79
C ASN A 63 -7.16 -16.94 6.93
N ILE A 64 -6.68 -16.50 8.09
CA ILE A 64 -6.50 -15.05 8.40
C ILE A 64 -5.15 -14.85 9.10
N SER A 65 -4.38 -13.83 8.72
CA SER A 65 -3.18 -13.38 9.47
C SER A 65 -3.62 -12.31 10.49
N TRP A 66 -2.74 -11.96 11.41
CA TRP A 66 -3.11 -11.23 12.65
C TRP A 66 -2.14 -10.08 12.90
N GLU A 67 -2.65 -9.06 13.58
CA GLU A 67 -1.87 -7.95 14.15
C GLU A 67 -2.46 -7.69 15.53
N LEU A 68 -1.71 -6.96 16.35
CA LEU A 68 -2.12 -6.57 17.71
C LEU A 68 -1.77 -5.10 17.88
N GLY A 69 -2.81 -4.27 17.89
CA GLY A 69 -2.66 -2.82 18.11
C GLY A 69 -2.37 -2.07 16.82
N ASN A 70 -2.63 -0.78 16.87
CA ASN A 70 -2.44 0.20 15.78
C ASN A 70 -1.91 1.48 16.43
N GLU A 71 -0.66 1.84 16.11
CA GLU A 71 0.00 3.09 16.58
C GLU A 71 -0.01 3.11 18.09
N PRO A 72 0.68 2.13 18.73
CA PRO A 72 0.85 2.11 20.18
C PRO A 72 1.59 3.35 20.72
N ASN A 73 2.38 4.00 19.86
CA ASN A 73 3.13 5.25 20.15
C ASN A 73 2.22 6.26 20.84
N SER A 74 0.94 6.31 20.48
CA SER A 74 -0.03 7.34 20.94
C SER A 74 -1.22 6.72 21.68
N PHE A 75 -1.04 5.55 22.33
CA PHE A 75 -2.04 4.97 23.25
C PHE A 75 -2.26 5.94 24.41
N LEU A 76 -1.24 6.72 24.78
CA LEU A 76 -1.30 7.69 25.91
C LEU A 76 -2.24 8.84 25.54
N LYS A 77 -2.07 9.41 24.35
CA LYS A 77 -3.00 10.43 23.78
C LYS A 77 -4.39 9.80 23.59
N LYS A 78 -4.47 8.63 22.96
CA LYS A 78 -5.75 8.03 22.50
C LYS A 78 -6.59 7.44 23.64
N ALA A 79 -5.97 6.97 24.74
CA ALA A 79 -6.68 6.21 25.81
C ALA A 79 -6.04 6.35 27.21
N ASP A 80 -5.12 7.31 27.41
CA ASP A 80 -4.52 7.64 28.74
C ASP A 80 -3.76 6.44 29.34
N ILE A 81 -3.24 5.56 28.49
CA ILE A 81 -2.42 4.37 28.86
C ILE A 81 -1.11 4.45 28.07
N PHE A 82 0.04 4.36 28.75
CA PHE A 82 1.36 4.14 28.10
C PHE A 82 1.69 2.65 28.17
N ILE A 83 1.90 2.03 27.00
CA ILE A 83 2.45 0.64 26.83
C ILE A 83 3.85 0.78 26.20
N ASN A 84 4.91 0.32 26.89
CA ASN A 84 6.31 0.34 26.38
C ASN A 84 6.47 -0.80 25.36
N GLY A 85 7.48 -0.70 24.49
CA GLY A 85 7.72 -1.68 23.41
C GLY A 85 8.00 -3.06 23.95
N SER A 86 8.66 -3.16 25.11
CA SER A 86 9.02 -4.45 25.77
C SER A 86 7.73 -5.22 26.07
N GLN A 87 6.82 -4.59 26.82
CA GLN A 87 5.49 -5.15 27.15
C GLN A 87 4.75 -5.53 25.87
N LEU A 88 4.66 -4.62 24.90
CA LEU A 88 4.01 -4.88 23.59
C LEU A 88 4.71 -6.06 22.91
N GLY A 89 6.04 -6.14 23.07
CA GLY A 89 6.85 -7.32 22.73
C GLY A 89 6.36 -8.57 23.43
N GLU A 90 6.13 -8.51 24.75
CA GLU A 90 5.63 -9.68 25.55
C GLU A 90 4.22 -10.02 25.04
N ASP A 91 3.36 -9.00 24.89
CA ASP A 91 1.95 -9.14 24.47
C ASP A 91 1.87 -9.89 23.12
N PHE A 92 2.85 -9.70 22.24
CA PHE A 92 2.90 -10.33 20.89
C PHE A 92 3.30 -11.80 21.03
N ILE A 93 4.09 -12.14 22.06
CA ILE A 93 4.56 -13.53 22.34
C ILE A 93 3.37 -14.35 22.87
N GLN A 94 2.64 -13.77 23.84
CA GLN A 94 1.35 -14.29 24.36
C GLN A 94 0.46 -14.65 23.17
N LEU A 95 0.26 -13.74 22.21
CA LEU A 95 -0.69 -13.93 21.08
C LEU A 95 -0.14 -15.01 20.14
N HIS A 96 1.17 -15.02 19.92
CA HIS A 96 1.85 -15.97 19.00
C HIS A 96 1.69 -17.39 19.55
N LYS A 97 1.78 -17.56 20.89
CA LYS A 97 1.48 -18.84 21.61
C LYS A 97 0.07 -19.33 21.25
N LEU A 98 -0.93 -18.45 21.32
CA LEU A 98 -2.37 -18.76 21.06
C LEU A 98 -2.56 -19.23 19.61
N LEU A 99 -1.85 -18.61 18.66
CA LEU A 99 -1.92 -18.99 17.22
C LEU A 99 -1.30 -20.37 17.02
N ARG A 100 -0.21 -20.67 17.74
CA ARG A 100 0.49 -21.99 17.75
C ARG A 100 -0.41 -23.06 18.39
N LYS A 101 -1.07 -22.72 19.51
CA LYS A 101 -2.11 -23.57 20.17
C LYS A 101 -3.30 -23.81 19.23
N SER A 102 -3.74 -22.77 18.48
CA SER A 102 -4.98 -22.75 17.66
C SER A 102 -4.83 -23.62 16.39
N THR A 103 -5.93 -23.79 15.65
CA THR A 103 -6.08 -24.77 14.53
C THR A 103 -5.28 -24.30 13.31
N PHE A 104 -5.12 -22.98 13.14
CA PHE A 104 -4.18 -22.36 12.16
C PHE A 104 -2.92 -21.92 12.91
N LYS A 105 -2.02 -22.88 13.15
CA LYS A 105 -0.78 -22.64 13.95
C LYS A 105 0.26 -21.97 13.06
N ASN A 106 0.14 -22.16 11.72
CA ASN A 106 1.01 -21.55 10.67
C ASN A 106 0.62 -20.10 10.40
N ALA A 107 -0.48 -19.63 10.99
CA ALA A 107 -0.98 -18.24 10.93
C ALA A 107 0.19 -17.27 11.09
N LYS A 108 0.28 -16.28 10.20
CA LYS A 108 1.34 -15.23 10.19
C LYS A 108 0.93 -14.09 11.13
N LEU A 109 1.92 -13.42 11.71
CA LEU A 109 1.73 -12.34 12.71
C LEU A 109 2.60 -11.13 12.30
N TYR A 110 1.97 -9.96 12.20
CA TYR A 110 2.61 -8.69 11.74
C TYR A 110 2.45 -7.65 12.84
N GLY A 111 3.45 -6.80 13.05
CA GLY A 111 3.38 -5.76 14.09
C GLY A 111 4.66 -4.93 14.08
N PRO A 112 4.78 -3.84 14.88
CA PRO A 112 3.68 -3.30 15.69
C PRO A 112 2.86 -2.12 15.13
N ASP A 113 2.86 -1.91 13.81
CA ASP A 113 2.06 -0.82 13.19
C ASP A 113 2.32 0.50 13.93
N VAL A 114 3.58 0.86 14.17
CA VAL A 114 3.97 2.20 14.71
C VAL A 114 3.91 3.26 13.61
N GLY A 115 3.65 4.50 14.00
CA GLY A 115 3.76 5.64 13.08
C GLY A 115 5.20 5.85 12.63
N GLN A 116 5.39 6.71 11.64
CA GLN A 116 6.71 7.04 11.05
C GLN A 116 7.64 7.69 12.07
N PRO A 117 8.96 7.64 11.84
CA PRO A 117 9.96 8.20 12.76
C PRO A 117 9.76 9.61 13.32
N ARG A 118 9.23 10.57 12.53
CA ARG A 118 9.03 11.99 12.94
C ARG A 118 8.03 12.09 14.12
N ARG A 119 7.25 11.05 14.39
CA ARG A 119 6.28 10.97 15.54
C ARG A 119 6.95 10.34 16.79
N LYS A 120 8.29 10.34 16.85
CA LYS A 120 9.13 9.98 18.05
C LYS A 120 8.91 8.50 18.41
N THR A 121 8.98 7.64 17.41
CA THR A 121 8.52 6.23 17.43
C THR A 121 9.72 5.26 17.51
N ALA A 122 10.94 5.73 17.27
CA ALA A 122 12.17 4.88 17.19
C ALA A 122 12.35 4.02 18.46
N LYS A 123 12.32 4.62 19.64
CA LYS A 123 12.58 3.89 20.91
C LYS A 123 11.56 2.76 21.00
N MET A 124 10.28 3.10 20.86
CA MET A 124 9.18 2.13 21.06
C MET A 124 9.40 0.92 20.16
N LEU A 125 9.83 1.16 18.92
CA LEU A 125 9.96 0.09 17.87
C LEU A 125 11.19 -0.78 18.16
N LYS A 126 12.25 -0.16 18.69
CA LYS A 126 13.54 -0.84 18.93
C LYS A 126 13.34 -1.74 20.16
N SER A 127 12.76 -1.19 21.22
CA SER A 127 12.33 -1.93 22.45
C SER A 127 11.36 -3.04 22.06
N PHE A 128 10.35 -2.74 21.25
CA PHE A 128 9.43 -3.77 20.71
C PHE A 128 10.18 -4.87 19.95
N LEU A 129 11.14 -4.53 19.07
CA LEU A 129 11.79 -5.56 18.21
C LEU A 129 12.81 -6.36 19.04
N LYS A 130 13.47 -5.74 20.02
CA LYS A 130 14.39 -6.48 20.92
C LYS A 130 13.59 -7.57 21.64
N ALA A 131 12.39 -7.23 22.14
CA ALA A 131 11.53 -8.08 22.99
C ALA A 131 10.67 -9.06 22.17
N GLY A 132 9.82 -8.55 21.27
CA GLY A 132 8.84 -9.37 20.51
C GLY A 132 9.31 -9.74 19.12
N GLY A 133 10.49 -9.25 18.69
CA GLY A 133 11.00 -9.34 17.31
C GLY A 133 10.91 -10.74 16.71
N GLU A 134 10.95 -11.79 17.52
CA GLU A 134 11.19 -13.16 17.03
C GLU A 134 9.89 -13.78 16.46
N VAL A 135 8.72 -13.38 16.95
CA VAL A 135 7.42 -14.07 16.68
C VAL A 135 6.72 -13.47 15.45
N ILE A 136 7.09 -12.23 15.05
CA ILE A 136 6.45 -11.44 13.95
C ILE A 136 7.13 -11.81 12.63
N ASP A 137 6.35 -12.01 11.55
CA ASP A 137 6.85 -12.43 10.21
C ASP A 137 7.27 -11.21 9.37
N SER A 138 6.75 -10.01 9.70
CA SER A 138 7.13 -8.72 9.08
C SER A 138 7.04 -7.61 10.13
N VAL A 139 7.87 -6.57 10.01
CA VAL A 139 7.71 -5.31 10.81
C VAL A 139 6.77 -4.40 10.02
N THR A 140 5.71 -3.89 10.69
CA THR A 140 4.71 -2.97 10.10
C THR A 140 4.93 -1.59 10.69
N TRP A 141 5.01 -0.58 9.83
CA TRP A 141 4.96 0.83 10.25
C TRP A 141 4.04 1.59 9.30
N HIS A 142 3.72 2.82 9.68
CA HIS A 142 2.73 3.68 8.96
C HIS A 142 3.44 4.92 8.42
N HIS A 143 3.03 5.41 7.26
CA HIS A 143 3.52 6.70 6.70
C HIS A 143 2.37 7.48 6.06
N TYR A 144 2.28 8.75 6.43
CA TYR A 144 1.50 9.83 5.73
C TYR A 144 2.46 10.98 5.47
N TYR A 145 2.42 11.59 4.29
CA TYR A 145 3.29 12.75 3.97
C TYR A 145 2.77 14.01 4.68
N LEU A 146 1.45 14.20 4.77
CA LEU A 146 0.86 15.53 5.15
C LEU A 146 -0.29 15.37 6.15
N ASN A 147 -0.70 16.49 6.73
CA ASN A 147 -1.98 16.68 7.45
C ASN A 147 -3.04 17.01 6.39
N GLY A 148 -4.11 16.21 6.33
CA GLY A 148 -5.29 16.43 5.47
C GLY A 148 -5.88 17.84 5.65
N ARG A 149 -5.81 18.36 6.89
CA ARG A 149 -6.42 19.66 7.26
C ARG A 149 -5.69 20.81 6.55
N THR A 150 -4.38 20.69 6.33
CA THR A 150 -3.53 21.82 5.88
C THR A 150 -2.84 21.54 4.56
N ALA A 151 -2.87 20.29 4.07
CA ALA A 151 -2.24 19.87 2.80
C ALA A 151 -2.75 20.78 1.69
N THR A 152 -1.83 21.32 0.87
CA THR A 152 -2.15 22.12 -0.32
C THR A 152 -1.88 21.34 -1.61
N ARG A 153 -2.50 21.79 -2.70
CA ARG A 153 -2.19 21.35 -4.07
C ARG A 153 -0.66 21.39 -4.30
N GLU A 154 0.02 22.45 -3.87
CA GLU A 154 1.48 22.60 -4.14
C GLU A 154 2.26 21.48 -3.41
N ASP A 155 1.83 21.12 -2.20
CA ASP A 155 2.40 20.02 -1.37
C ASP A 155 2.37 18.72 -2.17
N PHE A 156 1.26 18.44 -2.84
CA PHE A 156 1.05 17.19 -3.61
C PHE A 156 1.99 17.15 -4.83
N LEU A 157 2.42 18.30 -5.34
CA LEU A 157 3.29 18.40 -6.55
C LEU A 157 4.74 18.73 -6.17
N ASN A 158 5.10 18.73 -4.89
CA ASN A 158 6.42 19.20 -4.41
C ASN A 158 7.39 18.03 -4.25
N PRO A 159 8.44 17.95 -5.08
CA PRO A 159 9.44 16.91 -4.92
C PRO A 159 10.13 16.90 -3.54
N ASP A 160 10.22 18.04 -2.84
CA ASP A 160 10.85 18.12 -1.49
C ASP A 160 9.94 17.37 -0.49
N VAL A 161 8.63 17.34 -0.71
CA VAL A 161 7.66 16.58 0.14
C VAL A 161 7.85 15.10 -0.16
N LEU A 162 7.90 14.71 -1.42
CA LEU A 162 8.08 13.29 -1.83
C LEU A 162 9.37 12.74 -1.24
N ASP A 163 10.47 13.49 -1.35
CA ASP A 163 11.81 13.10 -0.80
C ASP A 163 11.85 12.87 0.73
N ILE A 164 11.00 13.46 1.57
N ILE A 164 10.94 13.46 1.51
CA ILE A 164 11.09 13.20 3.05
CA ILE A 164 10.85 13.26 3.00
C ILE A 164 10.83 11.71 3.31
C ILE A 164 10.80 11.77 3.29
N PHE A 165 10.12 11.02 2.42
CA PHE A 165 9.79 9.57 2.57
C PHE A 165 11.08 8.74 2.59
N ILE A 166 12.08 9.15 1.80
CA ILE A 166 13.38 8.45 1.71
C ILE A 166 14.00 8.35 3.12
N SER A 167 14.10 9.46 3.85
CA SER A 167 14.62 9.48 5.24
C SER A 167 13.74 8.67 6.20
N SER A 168 12.41 8.83 6.20
CA SER A 168 11.48 7.96 6.96
C SER A 168 11.94 6.51 6.81
N VAL A 169 12.11 6.05 5.58
CA VAL A 169 12.46 4.62 5.29
C VAL A 169 13.87 4.32 5.83
N GLN A 170 14.89 5.15 5.53
CA GLN A 170 16.27 4.95 6.05
C GLN A 170 16.21 4.82 7.58
N LYS A 171 15.41 5.62 8.25
CA LYS A 171 15.33 5.63 9.73
C LYS A 171 14.70 4.32 10.23
N VAL A 172 13.65 3.84 9.57
CA VAL A 172 13.01 2.57 9.96
C VAL A 172 14.05 1.45 9.80
N PHE A 173 14.77 1.40 8.69
CA PHE A 173 15.73 0.30 8.40
C PHE A 173 16.87 0.34 9.41
N GLN A 174 17.22 1.53 9.93
CA GLN A 174 18.25 1.70 10.97
C GLN A 174 17.84 1.02 12.29
N VAL A 175 16.61 1.20 12.72
CA VAL A 175 16.09 0.54 13.95
C VAL A 175 16.09 -0.97 13.71
N VAL A 176 15.58 -1.42 12.56
CA VAL A 176 15.34 -2.86 12.26
C VAL A 176 16.70 -3.56 12.15
N GLU A 177 17.64 -3.01 11.38
CA GLU A 177 18.98 -3.64 11.16
C GLU A 177 19.72 -3.79 12.51
N SER A 178 19.40 -2.98 13.51
CA SER A 178 20.09 -2.97 14.83
C SER A 178 19.45 -3.97 15.80
N THR A 179 18.40 -4.69 15.37
CA THR A 179 17.53 -5.54 16.23
C THR A 179 17.19 -6.84 15.52
N ARG A 180 16.58 -6.82 14.34
CA ARG A 180 16.19 -8.06 13.61
C ARG A 180 16.64 -7.95 12.17
N PRO A 181 17.96 -8.02 11.91
CA PRO A 181 18.49 -7.90 10.55
C PRO A 181 17.81 -8.97 9.70
N GLY A 182 17.38 -8.61 8.49
CA GLY A 182 16.78 -9.55 7.52
C GLY A 182 15.30 -9.82 7.78
N LYS A 183 14.72 -9.22 8.80
CA LYS A 183 13.26 -9.22 9.01
C LYS A 183 12.63 -8.36 7.91
N LYS A 184 11.56 -8.86 7.27
CA LYS A 184 10.77 -8.17 6.22
C LYS A 184 10.13 -6.91 6.82
N VAL A 185 10.08 -5.84 6.02
CA VAL A 185 9.63 -4.49 6.44
C VAL A 185 8.46 -4.11 5.53
N TRP A 186 7.32 -3.89 6.16
CA TRP A 186 6.03 -3.61 5.50
C TRP A 186 5.56 -2.23 5.94
N LEU A 187 5.10 -1.43 4.99
CA LEU A 187 4.20 -0.30 5.26
C LEU A 187 2.80 -0.86 5.49
N GLY A 188 2.39 -0.91 6.76
CA GLY A 188 1.14 -1.56 7.20
C GLY A 188 -0.10 -0.70 7.03
N GLU A 189 0.06 0.62 6.90
CA GLU A 189 -1.02 1.63 6.66
C GLU A 189 -0.36 2.90 6.13
N THR A 190 -0.67 3.32 4.90
CA THR A 190 0.03 4.50 4.31
C THR A 190 -0.81 5.19 3.24
N SER A 191 -0.68 6.51 3.13
CA SER A 191 -1.35 7.35 2.11
C SER A 191 -0.70 8.74 2.02
N SER A 192 -1.35 9.65 1.28
CA SER A 192 -0.96 11.06 1.12
C SER A 192 -1.03 11.79 2.47
N ALA A 193 -2.16 11.77 3.17
CA ALA A 193 -2.46 12.74 4.24
C ALA A 193 -3.33 12.12 5.33
N TYR A 194 -2.95 12.34 6.59
CA TYR A 194 -3.72 11.76 7.74
C TYR A 194 -4.93 12.69 7.99
N GLY A 195 -5.79 12.28 8.92
CA GLY A 195 -7.10 12.89 9.18
C GLY A 195 -8.08 12.62 8.04
N GLY A 196 -7.94 11.47 7.35
CA GLY A 196 -8.87 11.01 6.29
C GLY A 196 -8.57 11.65 4.94
N GLY A 197 -7.37 12.16 4.69
CA GLY A 197 -6.98 12.67 3.37
C GLY A 197 -7.29 14.16 3.19
N ALA A 198 -6.70 14.76 2.16
CA ALA A 198 -6.88 16.17 1.74
C ALA A 198 -8.10 16.26 0.84
N PRO A 199 -9.17 16.96 1.24
CA PRO A 199 -10.33 17.09 0.36
C PRO A 199 -9.88 17.63 -1.00
N LEU A 200 -10.40 17.06 -2.10
CA LEU A 200 -10.25 17.52 -3.51
C LEU A 200 -8.81 17.35 -4.01
N LEU A 201 -7.99 16.63 -3.24
CA LEU A 201 -6.55 16.35 -3.48
C LEU A 201 -6.33 14.83 -3.38
N SER A 202 -6.62 14.23 -2.23
CA SER A 202 -6.30 12.82 -1.94
C SER A 202 -7.09 11.85 -2.85
N ASP A 203 -8.13 12.34 -3.53
CA ASP A 203 -9.06 11.51 -4.34
C ASP A 203 -8.94 11.87 -5.82
N THR A 204 -7.88 12.56 -6.24
CA THR A 204 -7.71 13.12 -7.62
C THR A 204 -6.50 12.51 -8.31
N PHE A 205 -6.29 12.91 -9.57
CA PHE A 205 -5.11 12.55 -10.38
C PHE A 205 -3.84 13.00 -9.63
N ALA A 206 -3.94 14.13 -8.93
CA ALA A 206 -2.81 14.73 -8.17
C ALA A 206 -2.34 13.78 -7.08
N ALA A 207 -3.19 12.91 -6.56
CA ALA A 207 -2.81 11.98 -5.47
C ALA A 207 -1.79 10.96 -6.00
N GLY A 208 -1.71 10.83 -7.32
CA GLY A 208 -0.94 9.76 -8.02
C GLY A 208 0.56 9.98 -8.01
N PHE A 209 1.02 11.23 -7.89
CA PHE A 209 2.47 11.54 -7.76
C PHE A 209 2.98 10.92 -6.46
N MET A 210 2.27 11.18 -5.37
CA MET A 210 2.60 10.60 -4.05
C MET A 210 2.40 9.08 -4.03
N TRP A 211 1.37 8.54 -4.67
CA TRP A 211 1.13 7.08 -4.58
C TRP A 211 2.19 6.36 -5.42
N LEU A 212 2.41 6.80 -6.66
CA LEU A 212 3.37 6.09 -7.56
C LEU A 212 4.80 6.28 -7.03
N ASP A 213 5.17 7.45 -6.52
CA ASP A 213 6.52 7.68 -5.98
C ASP A 213 6.76 6.80 -4.74
N LYS A 214 5.75 6.66 -3.88
CA LYS A 214 5.86 5.85 -2.65
C LYS A 214 6.16 4.41 -3.04
N LEU A 215 5.42 3.92 -4.03
CA LEU A 215 5.59 2.56 -4.61
C LEU A 215 6.98 2.42 -5.20
N GLY A 216 7.43 3.35 -6.04
CA GLY A 216 8.79 3.25 -6.61
C GLY A 216 9.85 3.18 -5.53
N LEU A 217 9.80 4.12 -4.59
CA LEU A 217 10.81 4.23 -3.50
C LEU A 217 10.70 3.03 -2.56
N SER A 218 9.48 2.61 -2.22
CA SER A 218 9.35 1.42 -1.31
C SER A 218 10.04 0.23 -1.98
N ALA A 219 9.77 -0.01 -3.27
CA ALA A 219 10.36 -1.16 -3.99
C ALA A 219 11.88 -1.02 -4.01
N ARG A 220 12.39 0.17 -4.32
CA ARG A 220 13.84 0.45 -4.46
C ARG A 220 14.56 0.28 -3.11
N MET A 221 13.93 0.64 -1.99
CA MET A 221 14.64 0.76 -0.68
C MET A 221 14.42 -0.47 0.22
N GLY A 222 13.69 -1.47 -0.28
CA GLY A 222 13.63 -2.80 0.34
C GLY A 222 12.36 -3.04 1.13
N ILE A 223 11.35 -2.18 0.99
N ILE A 223 11.34 -2.20 0.96
CA ILE A 223 10.01 -2.46 1.54
CA ILE A 223 10.00 -2.45 1.55
C ILE A 223 9.40 -3.55 0.66
C ILE A 223 9.32 -3.51 0.67
N GLU A 224 8.84 -4.59 1.29
CA GLU A 224 8.33 -5.78 0.57
C GLU A 224 6.84 -5.69 0.22
N VAL A 225 6.07 -4.99 1.06
CA VAL A 225 4.58 -4.82 0.97
C VAL A 225 4.21 -3.39 1.38
N VAL A 226 3.37 -2.76 0.56
CA VAL A 226 2.80 -1.41 0.84
C VAL A 226 1.27 -1.54 0.91
N MET A 227 0.66 -1.19 2.04
CA MET A 227 -0.80 -1.30 2.24
C MET A 227 -1.45 0.08 2.19
N ARG A 228 -2.17 0.34 1.09
CA ARG A 228 -2.82 1.65 0.80
C ARG A 228 -4.07 1.84 1.67
N GLN A 229 -4.02 2.83 2.57
CA GLN A 229 -5.16 3.51 3.24
C GLN A 229 -5.84 4.43 2.22
N VAL A 230 -7.10 4.14 1.79
CA VAL A 230 -7.83 2.88 1.98
C VAL A 230 -8.39 2.43 0.63
N PHE A 231 -8.78 1.17 0.53
CA PHE A 231 -9.46 0.70 -0.70
C PHE A 231 -10.79 1.45 -0.80
N PHE A 232 -11.53 1.45 0.32
CA PHE A 232 -12.91 1.98 0.43
C PHE A 232 -13.14 2.53 1.84
N GLY A 233 -13.77 3.69 1.92
CA GLY A 233 -14.15 4.30 3.21
C GLY A 233 -14.42 5.79 3.09
N ALA A 234 -14.61 6.43 4.25
CA ALA A 234 -15.09 7.84 4.37
C ALA A 234 -13.98 8.76 3.87
N GLY A 235 -12.74 8.49 4.32
CA GLY A 235 -11.55 9.27 3.93
C GLY A 235 -11.45 9.45 2.41
N ASN A 236 -11.04 10.67 2.05
N ASN A 236 -11.12 10.63 1.92
CA ASN A 236 -10.81 11.22 0.68
CA ASN A 236 -11.04 10.86 0.46
C ASN A 236 -9.65 10.50 -0.02
C ASN A 236 -9.65 10.45 -0.07
N TYR A 237 -8.86 9.72 0.74
CA TYR A 237 -7.71 8.91 0.22
C TYR A 237 -8.19 7.51 -0.21
N HIS A 238 -9.50 7.24 -0.15
CA HIS A 238 -10.11 6.01 -0.71
C HIS A 238 -9.73 5.85 -2.20
N LEU A 239 -9.51 4.60 -2.63
CA LEU A 239 -9.26 4.21 -4.05
C LEU A 239 -10.58 4.17 -4.80
N VAL A 240 -11.66 3.93 -4.07
CA VAL A 240 -13.04 3.84 -4.61
C VAL A 240 -13.95 4.79 -3.82
N ASP A 241 -14.75 5.60 -4.53
CA ASP A 241 -15.62 6.64 -3.93
C ASP A 241 -16.84 5.96 -3.28
N GLU A 242 -17.75 6.76 -2.71
CA GLU A 242 -18.91 6.31 -1.88
C GLU A 242 -19.97 5.67 -2.78
N ASN A 243 -19.92 5.94 -4.09
CA ASN A 243 -20.79 5.36 -5.16
C ASN A 243 -20.11 4.18 -5.86
N PHE A 244 -19.02 3.65 -5.27
CA PHE A 244 -18.25 2.47 -5.76
C PHE A 244 -17.67 2.74 -7.15
N ASP A 245 -17.33 3.99 -7.47
CA ASP A 245 -16.62 4.40 -8.71
C ASP A 245 -15.12 4.47 -8.43
N PRO A 246 -14.26 3.81 -9.25
CA PRO A 246 -12.81 3.93 -9.10
C PRO A 246 -12.26 5.35 -9.34
N LEU A 247 -11.43 5.84 -8.41
CA LEU A 247 -10.75 7.15 -8.54
C LEU A 247 -9.41 6.95 -9.24
N PRO A 248 -8.74 8.03 -9.69
CA PRO A 248 -7.49 7.88 -10.46
C PRO A 248 -6.44 6.93 -9.85
N ASP A 249 -6.37 6.83 -8.52
CA ASP A 249 -5.36 5.97 -7.84
C ASP A 249 -5.74 4.50 -8.03
N TYR A 250 -7.04 4.18 -8.13
CA TYR A 250 -7.45 2.79 -8.50
C TYR A 250 -6.81 2.40 -9.84
N TRP A 251 -7.04 3.18 -10.91
CA TRP A 251 -6.54 2.90 -12.29
C TRP A 251 -5.01 2.80 -12.32
N LEU A 252 -4.33 3.66 -11.55
CA LEU A 252 -2.85 3.66 -11.36
C LEU A 252 -2.40 2.35 -10.68
N SER A 253 -3.07 1.96 -9.58
CA SER A 253 -2.85 0.72 -8.81
C SER A 253 -3.09 -0.52 -9.67
N LEU A 254 -4.14 -0.52 -10.50
CA LEU A 254 -4.40 -1.60 -11.48
C LEU A 254 -3.31 -1.63 -12.57
N LEU A 255 -2.95 -0.51 -13.20
CA LEU A 255 -1.97 -0.55 -14.31
C LEU A 255 -0.58 -0.95 -13.77
N PHE A 256 -0.29 -0.64 -12.51
CA PHE A 256 0.98 -1.01 -11.83
C PHE A 256 1.03 -2.52 -11.69
N LYS A 257 -0.09 -3.12 -11.26
CA LYS A 257 -0.19 -4.60 -11.05
C LYS A 257 0.01 -5.31 -12.38
N LYS A 258 -0.56 -4.79 -13.46
CA LYS A 258 -0.46 -5.44 -14.80
C LYS A 258 1.01 -5.46 -15.26
N LEU A 259 1.78 -4.39 -15.06
CA LEU A 259 3.05 -4.15 -15.81
C LEU A 259 4.29 -4.38 -14.95
N VAL A 260 4.22 -4.18 -13.63
CA VAL A 260 5.46 -4.10 -12.79
C VAL A 260 5.69 -5.50 -12.23
N GLY A 261 6.90 -6.05 -12.42
CA GLY A 261 7.32 -7.37 -11.88
C GLY A 261 7.80 -7.27 -10.45
N THR A 262 8.11 -8.41 -9.82
CA THR A 262 8.57 -8.49 -8.39
C THR A 262 10.07 -8.15 -8.28
N LYS A 263 10.80 -8.19 -9.40
CA LYS A 263 12.26 -8.00 -9.42
C LYS A 263 12.54 -6.51 -9.59
N VAL A 264 13.11 -5.91 -8.55
CA VAL A 264 13.37 -4.45 -8.53
C VAL A 264 14.75 -4.20 -9.14
N LEU A 265 14.83 -3.28 -10.10
CA LEU A 265 16.11 -2.82 -10.66
C LEU A 265 16.22 -1.33 -10.32
N MET A 266 16.95 -0.57 -11.12
CA MET A 266 17.22 0.84 -10.83
C MET A 266 17.34 1.58 -12.14
N ALA A 267 16.81 2.82 -12.13
CA ALA A 267 17.00 3.84 -13.17
C ALA A 267 17.34 5.17 -12.50
N SER A 268 18.06 6.02 -13.22
CA SER A 268 18.45 7.37 -12.78
C SER A 268 18.62 8.28 -13.99
N VAL A 269 18.44 9.58 -13.81
CA VAL A 269 18.61 10.60 -14.88
C VAL A 269 20.02 11.18 -14.80
N GLN A 270 20.75 11.17 -15.91
CA GLN A 270 22.19 11.57 -15.95
C GLN A 270 22.37 12.99 -15.38
N GLY A 271 21.42 13.89 -15.64
CA GLY A 271 21.47 15.31 -15.23
C GLY A 271 22.34 15.56 -13.99
N ARG A 274 17.63 15.69 -10.82
CA ARG A 274 17.06 14.37 -10.40
C ARG A 274 16.04 14.54 -9.25
N ARG A 275 15.25 15.61 -9.26
CA ARG A 275 14.24 15.91 -8.22
C ARG A 275 12.82 15.79 -8.79
N LYS A 276 12.55 16.46 -9.93
CA LYS A 276 11.20 16.56 -10.57
C LYS A 276 10.98 15.48 -11.62
N LEU A 277 12.03 14.80 -12.08
CA LEU A 277 11.96 13.60 -12.95
C LEU A 277 12.36 12.39 -12.11
N ARG A 278 11.37 11.58 -11.73
CA ARG A 278 11.50 10.42 -10.82
C ARG A 278 11.30 9.17 -11.69
N VAL A 279 12.31 8.29 -11.75
CA VAL A 279 12.31 7.07 -12.60
C VAL A 279 12.56 5.86 -11.70
N TYR A 280 11.91 4.76 -12.06
CA TYR A 280 11.87 3.45 -11.37
C TYR A 280 11.90 2.35 -12.44
N LEU A 281 12.61 1.25 -12.17
CA LEU A 281 12.79 0.16 -13.15
C LEU A 281 12.60 -1.15 -12.43
N HIS A 282 11.68 -1.99 -12.91
CA HIS A 282 11.56 -3.41 -12.50
C HIS A 282 11.60 -4.30 -13.73
N CYS A 283 11.72 -5.62 -13.53
CA CYS A 283 11.40 -6.61 -14.60
C CYS A 283 9.89 -6.54 -14.90
N THR A 284 9.52 -6.66 -16.17
CA THR A 284 8.09 -6.74 -16.54
C THR A 284 7.44 -7.98 -15.90
N ASN A 285 6.21 -7.78 -15.44
CA ASN A 285 5.24 -8.82 -15.08
C ASN A 285 4.96 -9.61 -16.37
N THR A 286 5.40 -10.86 -16.44
CA THR A 286 5.34 -11.67 -17.70
C THR A 286 3.99 -12.40 -17.80
N ASP A 287 3.17 -12.36 -16.73
CA ASP A 287 1.75 -12.82 -16.75
C ASP A 287 1.01 -12.16 -17.89
N ASN A 288 1.36 -10.92 -18.24
CA ASN A 288 0.86 -10.29 -19.48
C ASN A 288 1.36 -11.14 -20.64
N PRO A 289 0.46 -11.90 -21.31
CA PRO A 289 0.83 -12.64 -22.51
C PRO A 289 1.52 -11.79 -23.56
N ARG A 290 1.40 -10.46 -23.46
CA ARG A 290 2.02 -9.56 -24.47
C ARG A 290 3.54 -9.55 -24.27
N TYR A 291 3.98 -9.84 -23.03
CA TYR A 291 5.38 -9.61 -22.55
C TYR A 291 6.00 -10.93 -22.05
N LYS A 292 7.29 -11.09 -22.36
CA LYS A 292 8.13 -12.30 -22.15
C LYS A 292 9.28 -11.95 -21.20
N GLU A 293 9.85 -12.95 -20.54
CA GLU A 293 11.01 -12.85 -19.62
C GLU A 293 12.12 -12.01 -20.31
N GLY A 294 12.87 -11.22 -19.53
CA GLY A 294 13.86 -10.28 -20.09
C GLY A 294 13.29 -8.90 -20.40
N ASP A 295 11.97 -8.75 -20.53
CA ASP A 295 11.36 -7.41 -20.76
C ASP A 295 11.47 -6.55 -19.46
N LEU A 296 11.62 -5.24 -19.63
CA LEU A 296 11.73 -4.22 -18.53
C LEU A 296 10.48 -3.36 -18.45
N THR A 297 10.02 -3.07 -17.23
CA THR A 297 9.01 -2.02 -16.97
C THR A 297 9.69 -0.83 -16.27
N LEU A 298 9.82 0.25 -17.03
CA LEU A 298 10.16 1.61 -16.55
C LEU A 298 8.87 2.33 -16.15
N TYR A 299 8.88 3.05 -15.03
CA TYR A 299 7.84 4.06 -14.78
C TYR A 299 8.49 5.34 -14.33
N ALA A 300 7.84 6.43 -14.67
CA ALA A 300 8.38 7.80 -14.58
C ALA A 300 7.28 8.75 -14.13
N ILE A 301 7.65 9.65 -13.19
CA ILE A 301 6.89 10.86 -12.77
C ILE A 301 7.57 12.10 -13.35
N ASN A 302 6.78 12.99 -13.97
CA ASN A 302 7.27 14.31 -14.45
C ASN A 302 6.53 15.38 -13.67
N LEU A 303 7.24 16.05 -12.75
CA LEU A 303 6.71 17.18 -11.94
C LEU A 303 7.24 18.51 -12.47
N HIS A 304 8.02 18.53 -13.55
CA HIS A 304 8.29 19.78 -14.31
C HIS A 304 7.02 20.29 -14.97
N ASN A 305 7.03 21.55 -15.38
CA ASN A 305 5.82 22.20 -15.95
C ASN A 305 5.94 22.18 -17.49
N VAL A 306 6.91 21.44 -18.04
CA VAL A 306 7.10 21.21 -19.50
C VAL A 306 7.28 19.71 -19.74
N THR A 307 6.99 19.28 -20.96
CA THR A 307 7.24 17.90 -21.44
C THR A 307 8.74 17.58 -21.36
N LYS A 308 9.08 16.36 -21.01
CA LYS A 308 10.48 15.84 -21.04
C LYS A 308 10.56 14.58 -21.92
N TYR A 309 11.70 14.41 -22.58
CA TYR A 309 11.98 13.35 -23.58
C TYR A 309 13.15 12.51 -23.04
N LEU A 310 12.80 11.34 -22.51
CA LEU A 310 13.70 10.34 -21.88
C LEU A 310 14.29 9.47 -22.98
N ARG A 311 15.62 9.45 -23.11
CA ARG A 311 16.34 8.56 -24.06
C ARG A 311 16.80 7.31 -23.32
N LEU A 312 16.40 6.14 -23.80
CA LEU A 312 16.83 4.83 -23.24
C LEU A 312 18.32 4.64 -23.42
N PRO A 313 19.00 4.03 -22.43
CA PRO A 313 20.44 3.83 -22.51
C PRO A 313 20.73 2.63 -23.43
N TYR A 314 21.90 2.65 -24.07
CA TYR A 314 22.54 1.47 -24.71
C TYR A 314 22.43 0.29 -23.75
N PRO A 315 22.10 -0.95 -24.19
CA PRO A 315 21.74 -1.27 -25.58
C PRO A 315 20.24 -1.28 -25.90
N PHE A 316 19.45 -0.38 -25.31
CA PHE A 316 17.96 -0.40 -25.36
C PHE A 316 17.42 0.76 -26.19
N SER A 317 18.28 1.57 -26.82
CA SER A 317 17.92 2.78 -27.61
C SER A 317 16.92 2.48 -28.74
N ASN A 318 16.95 1.28 -29.32
CA ASN A 318 16.22 0.94 -30.58
C ASN A 318 15.11 -0.09 -30.34
N LYS A 319 14.91 -0.56 -29.11
CA LYS A 319 13.83 -1.51 -28.73
C LYS A 319 12.43 -0.91 -29.00
N GLN A 320 11.44 -1.78 -29.15
CA GLN A 320 10.01 -1.39 -29.28
C GLN A 320 9.53 -1.12 -27.87
N VAL A 321 8.92 0.05 -27.66
CA VAL A 321 8.41 0.50 -26.34
C VAL A 321 6.89 0.69 -26.45
N ASP A 322 6.16 0.03 -25.56
CA ASP A 322 4.75 0.27 -25.21
C ASP A 322 4.61 1.35 -24.12
N LYS A 323 3.92 2.43 -24.45
CA LYS A 323 3.60 3.53 -23.52
C LYS A 323 2.26 3.22 -22.84
N TYR A 324 2.19 3.43 -21.53
CA TYR A 324 0.95 3.55 -20.73
C TYR A 324 0.96 4.90 -20.00
N LEU A 325 0.58 5.99 -20.70
CA LEU A 325 0.56 7.35 -20.15
C LEU A 325 -0.81 7.67 -19.53
N LEU A 326 -0.79 8.13 -18.27
CA LEU A 326 -1.98 8.52 -17.47
C LEU A 326 -2.05 10.04 -17.38
N ARG A 327 -3.19 10.61 -17.81
CA ARG A 327 -3.46 12.07 -17.82
C ARG A 327 -4.87 12.29 -17.37
N PRO A 328 -5.14 13.41 -16.67
CA PRO A 328 -6.49 13.66 -16.15
C PRO A 328 -7.47 13.90 -17.31
N LEU A 329 -8.70 13.46 -17.08
CA LEU A 329 -9.85 13.93 -17.92
C LEU A 329 -10.37 15.26 -17.38
N GLY A 330 -10.39 16.29 -18.23
CA GLY A 330 -10.71 17.70 -17.88
C GLY A 330 -12.16 17.82 -17.44
N PRO A 331 -12.64 19.01 -17.05
CA PRO A 331 -11.87 20.23 -17.10
C PRO A 331 -11.06 20.59 -15.83
N HIS A 332 -11.05 19.72 -14.82
CA HIS A 332 -10.47 19.94 -13.48
C HIS A 332 -8.98 19.58 -13.40
N GLY A 333 -8.38 19.09 -14.50
CA GLY A 333 -6.93 18.98 -14.62
C GLY A 333 -6.41 18.06 -13.53
N LEU A 334 -5.37 18.46 -12.82
CA LEU A 334 -4.77 17.56 -11.80
C LEU A 334 -5.81 17.31 -10.68
N LEU A 335 -6.83 18.16 -10.52
CA LEU A 335 -7.88 17.98 -9.47
C LEU A 335 -9.05 17.13 -10.00
N SER A 336 -8.87 16.48 -11.15
CA SER A 336 -9.89 15.60 -11.76
C SER A 336 -9.98 14.25 -11.05
N LYS A 337 -11.19 13.67 -11.02
CA LYS A 337 -11.47 12.34 -10.43
C LYS A 337 -11.59 11.32 -11.57
N SER A 338 -11.21 11.71 -12.78
CA SER A 338 -11.20 10.83 -13.99
C SER A 338 -9.86 10.94 -14.71
N VAL A 339 -9.45 9.84 -15.32
CA VAL A 339 -8.10 9.71 -15.92
C VAL A 339 -8.24 9.00 -17.26
N GLN A 340 -7.40 9.38 -18.21
CA GLN A 340 -7.25 8.73 -19.54
C GLN A 340 -5.93 7.97 -19.60
N LEU A 341 -5.98 6.71 -20.01
CA LEU A 341 -4.80 5.92 -20.43
C LEU A 341 -4.61 6.16 -21.94
N ASN A 342 -3.50 6.80 -22.32
CA ASN A 342 -3.12 7.03 -23.73
C ASN A 342 -4.32 7.69 -24.45
N GLY A 343 -4.95 8.70 -23.83
CA GLY A 343 -6.05 9.48 -24.42
C GLY A 343 -7.40 8.77 -24.43
N LEU A 344 -7.58 7.63 -23.75
CA LEU A 344 -8.87 6.90 -23.69
C LEU A 344 -9.32 6.88 -22.23
N THR A 345 -10.50 7.40 -21.90
CA THR A 345 -10.98 7.50 -20.49
C THR A 345 -11.12 6.09 -19.90
N LEU A 346 -10.62 5.87 -18.69
CA LEU A 346 -10.73 4.59 -17.98
C LEU A 346 -12.04 4.60 -17.22
N LYS A 347 -12.96 3.77 -17.68
CA LYS A 347 -14.25 3.46 -17.00
C LYS A 347 -14.44 1.94 -17.00
N MET A 348 -15.02 1.43 -15.91
CA MET A 348 -15.62 0.08 -15.85
C MET A 348 -16.55 -0.06 -17.05
N VAL A 349 -16.41 -1.14 -17.84
CA VAL A 349 -17.32 -1.44 -19.00
C VAL A 349 -18.71 -1.75 -18.40
N ASP A 350 -18.77 -2.43 -17.25
CA ASP A 350 -19.99 -2.63 -16.42
C ASP A 350 -19.53 -3.08 -15.03
N ASP A 351 -20.48 -3.38 -14.13
CA ASP A 351 -20.18 -3.72 -12.70
C ASP A 351 -19.43 -5.05 -12.61
N GLN A 352 -19.41 -5.81 -13.71
CA GLN A 352 -18.79 -7.15 -13.74
C GLN A 352 -17.39 -7.07 -14.38
N THR A 353 -17.09 -5.99 -15.10
CA THR A 353 -16.07 -5.98 -16.18
C THR A 353 -15.15 -4.76 -16.10
N LEU A 354 -13.86 -5.02 -15.94
CA LEU A 354 -12.80 -3.99 -16.08
C LEU A 354 -12.48 -3.81 -17.55
N PRO A 355 -12.13 -2.60 -18.01
CA PRO A 355 -11.71 -2.43 -19.39
C PRO A 355 -10.39 -3.15 -19.63
N PRO A 356 -10.00 -3.38 -20.89
CA PRO A 356 -8.62 -3.70 -21.21
C PRO A 356 -7.80 -2.44 -20.86
N LEU A 357 -6.49 -2.59 -20.63
CA LEU A 357 -5.59 -1.44 -20.53
C LEU A 357 -4.71 -1.41 -21.80
N MET A 358 -5.13 -0.66 -22.82
CA MET A 358 -4.47 -0.68 -24.15
C MET A 358 -3.16 0.11 -24.05
N GLU A 359 -2.06 -0.53 -24.41
CA GLU A 359 -0.73 0.11 -24.63
C GLU A 359 -0.84 1.04 -25.84
N LYS A 360 0.18 1.86 -26.03
CA LYS A 360 0.41 2.69 -27.24
C LYS A 360 1.83 2.42 -27.72
N PRO A 361 2.04 1.58 -28.74
CA PRO A 361 3.39 1.25 -29.21
C PRO A 361 4.10 2.46 -29.84
N LEU A 362 5.37 2.66 -29.49
CA LEU A 362 6.12 3.84 -29.94
C LEU A 362 6.97 3.44 -31.16
N ARG A 363 7.21 4.38 -32.05
CA ARG A 363 8.19 4.23 -33.15
C ARG A 363 9.50 3.77 -32.53
N PRO A 364 10.04 2.59 -32.91
CA PRO A 364 11.29 2.10 -32.33
C PRO A 364 12.40 3.14 -32.52
N GLY A 365 13.18 3.35 -31.47
CA GLY A 365 14.27 4.35 -31.45
C GLY A 365 13.79 5.77 -31.19
N SER A 366 12.50 6.00 -30.92
CA SER A 366 11.97 7.33 -30.50
C SER A 366 12.24 7.53 -29.00
N SER A 367 12.50 8.77 -28.57
CA SER A 367 12.62 9.14 -27.15
C SER A 367 11.23 9.05 -26.50
N LEU A 368 11.19 8.80 -25.20
CA LEU A 368 9.95 8.63 -24.40
C LEU A 368 9.42 9.99 -23.96
N GLY A 369 8.26 10.38 -24.50
CA GLY A 369 7.62 11.66 -24.20
C GLY A 369 6.85 11.56 -22.89
N LEU A 370 7.09 12.48 -21.96
CA LEU A 370 6.39 12.49 -20.66
C LEU A 370 5.93 13.93 -20.41
N PRO A 371 4.65 14.25 -20.71
CA PRO A 371 4.09 15.59 -20.49
C PRO A 371 4.26 16.14 -19.07
N ALA A 372 4.18 17.45 -18.89
CA ALA A 372 4.20 18.10 -17.55
C ALA A 372 3.17 17.42 -16.64
N PHE A 373 3.48 17.29 -15.35
CA PHE A 373 2.56 16.79 -14.29
C PHE A 373 1.85 15.56 -14.82
N SER A 374 2.60 14.51 -15.15
CA SER A 374 2.04 13.22 -15.61
C SER A 374 2.88 12.09 -15.01
N TYR A 375 2.39 10.88 -15.11
CA TYR A 375 3.17 9.65 -14.84
C TYR A 375 2.80 8.66 -15.93
N SER A 376 3.75 7.81 -16.29
CA SER A 376 3.67 6.85 -17.41
C SER A 376 4.44 5.57 -17.07
N PHE A 377 3.98 4.45 -17.60
CA PHE A 377 4.74 3.20 -17.66
C PHE A 377 5.25 3.05 -19.09
N PHE A 378 6.43 2.45 -19.24
CA PHE A 378 7.02 2.09 -20.56
C PHE A 378 7.51 0.64 -20.42
N VAL A 379 6.99 -0.24 -21.28
CA VAL A 379 7.49 -1.65 -21.39
C VAL A 379 8.45 -1.73 -22.59
N ILE A 380 9.71 -2.03 -22.27
CA ILE A 380 10.83 -2.22 -23.24
C ILE A 380 10.84 -3.68 -23.68
N ARG A 381 10.30 -3.96 -24.86
CA ARG A 381 10.03 -5.34 -25.35
C ARG A 381 11.31 -5.92 -25.93
N ASN A 382 11.60 -7.19 -25.66
CA ASN A 382 12.77 -7.87 -26.28
C ASN A 382 14.04 -7.25 -25.66
N ALA A 383 13.93 -6.74 -24.43
CA ALA A 383 15.07 -6.18 -23.67
C ALA A 383 16.10 -7.29 -23.44
N LYS A 384 15.64 -8.49 -23.05
CA LYS A 384 16.46 -9.72 -22.90
C LYS A 384 17.44 -9.55 -21.74
N VAL A 385 16.98 -8.93 -20.67
CA VAL A 385 17.73 -8.80 -19.39
C VAL A 385 17.69 -10.16 -18.69
N ALA A 386 18.85 -10.84 -18.61
CA ALA A 386 19.03 -12.13 -17.94
C ALA A 386 18.53 -12.06 -16.48
N ALA A 387 18.80 -10.97 -15.77
CA ALA A 387 18.33 -10.75 -14.38
C ALA A 387 16.81 -10.98 -14.29
N CYS A 388 16.10 -10.78 -15.42
CA CYS A 388 14.62 -10.83 -15.52
C CYS A 388 14.19 -12.21 -15.97
N ILE A 389 14.85 -13.22 -15.40
CA ILE A 389 14.63 -14.67 -15.68
C ILE A 389 14.66 -15.38 -14.33
N GLN B 4 17.19 22.68 -22.46
CA GLN B 4 16.46 21.72 -23.32
C GLN B 4 15.85 20.58 -22.46
N ASP B 5 14.98 19.79 -23.06
CA ASP B 5 14.03 18.90 -22.35
C ASP B 5 14.29 17.44 -22.73
N VAL B 6 15.49 17.13 -23.22
CA VAL B 6 15.89 15.71 -23.47
C VAL B 6 16.82 15.23 -22.34
N VAL B 7 16.45 14.12 -21.69
CA VAL B 7 17.09 13.57 -20.47
C VAL B 7 17.56 12.14 -20.79
N ASP B 8 18.81 11.81 -20.50
CA ASP B 8 19.34 10.44 -20.70
C ASP B 8 19.12 9.61 -19.42
N LEU B 9 18.59 8.40 -19.55
CA LEU B 9 18.46 7.46 -18.41
C LEU B 9 19.68 6.53 -18.36
N ASP B 10 20.13 6.23 -17.14
CA ASP B 10 21.02 5.10 -16.77
C ASP B 10 20.19 4.01 -16.11
N PHE B 11 20.41 2.77 -16.53
CA PHE B 11 19.75 1.56 -15.98
C PHE B 11 20.77 0.65 -15.33
N PHE B 12 20.40 0.08 -14.19
CA PHE B 12 21.11 -1.06 -13.56
C PHE B 12 20.24 -2.29 -13.85
N THR B 13 20.81 -3.30 -14.54
CA THR B 13 20.10 -4.52 -15.04
C THR B 13 20.90 -5.80 -14.80
N GLN B 14 21.92 -5.78 -13.94
CA GLN B 14 22.84 -6.93 -13.67
C GLN B 14 22.15 -7.97 -12.78
N GLU B 15 21.43 -7.53 -11.75
CA GLU B 15 20.75 -8.48 -10.84
C GLU B 15 19.58 -7.79 -10.16
N PRO B 16 18.57 -8.56 -9.70
CA PRO B 16 17.51 -7.98 -8.88
C PRO B 16 18.16 -7.35 -7.66
N LEU B 17 17.86 -6.07 -7.36
CA LEU B 17 18.35 -5.38 -6.14
C LEU B 17 17.44 -5.73 -4.96
N HIS B 18 16.17 -6.06 -5.24
CA HIS B 18 15.16 -6.47 -4.24
C HIS B 18 14.11 -7.32 -4.93
N LEU B 19 13.40 -8.11 -4.13
CA LEU B 19 12.21 -8.90 -4.52
C LEU B 19 11.04 -8.41 -3.68
N VAL B 20 10.03 -7.85 -4.31
CA VAL B 20 8.78 -7.44 -3.63
C VAL B 20 7.85 -8.66 -3.68
N SER B 21 6.96 -8.76 -2.72
CA SER B 21 5.88 -9.77 -2.72
C SER B 21 5.08 -9.59 -4.01
N PRO B 22 4.46 -10.66 -4.56
CA PRO B 22 3.42 -10.46 -5.57
C PRO B 22 2.28 -9.55 -5.05
N SER B 23 2.05 -9.53 -3.75
CA SER B 23 1.09 -8.66 -3.03
C SER B 23 1.73 -7.32 -2.60
N PHE B 24 2.81 -6.88 -3.28
CA PHE B 24 3.51 -5.62 -2.97
C PHE B 24 2.49 -4.47 -2.77
N LEU B 25 1.61 -4.24 -3.75
CA LEU B 25 0.52 -3.21 -3.71
C LEU B 25 -0.71 -3.84 -3.04
N SER B 26 -0.81 -3.68 -1.74
CA SER B 26 -1.96 -4.14 -0.94
C SER B 26 -2.79 -2.92 -0.53
N VAL B 27 -3.83 -3.16 0.27
CA VAL B 27 -4.89 -2.17 0.57
C VAL B 27 -5.38 -2.40 2.00
N THR B 28 -5.98 -1.36 2.59
CA THR B 28 -6.61 -1.42 3.92
C THR B 28 -8.10 -1.15 3.79
N ILE B 29 -8.86 -1.73 4.72
CA ILE B 29 -10.18 -1.21 5.19
C ILE B 29 -9.98 -0.72 6.62
N ASP B 30 -10.35 0.51 6.91
CA ASP B 30 -10.19 1.08 8.28
C ASP B 30 -11.17 0.38 9.24
N ALA B 31 -10.74 0.14 10.48
CA ALA B 31 -11.60 -0.41 11.56
C ALA B 31 -12.85 0.48 11.73
N ASN B 32 -12.71 1.80 11.49
CA ASN B 32 -13.82 2.80 11.56
C ASN B 32 -15.06 2.27 10.83
N LEU B 33 -14.85 1.53 9.72
CA LEU B 33 -15.93 1.08 8.78
C LEU B 33 -16.77 -0.05 9.41
N ALA B 34 -16.26 -0.78 10.39
CA ALA B 34 -17.06 -1.78 11.13
C ALA B 34 -18.02 -1.09 12.11
N THR B 35 -17.97 0.24 12.25
CA THR B 35 -18.92 1.02 13.10
C THR B 35 -19.90 1.80 12.19
N ASP B 36 -20.02 1.41 10.91
CA ASP B 36 -21.02 1.97 9.97
C ASP B 36 -22.20 1.01 9.89
N PRO B 37 -23.45 1.49 10.15
CA PRO B 37 -24.67 0.75 9.82
C PRO B 37 -24.69 0.10 8.42
N ARG B 38 -24.16 0.78 7.41
CA ARG B 38 -24.22 0.29 6.00
C ARG B 38 -23.12 -0.73 5.70
N PHE B 39 -22.29 -1.10 6.69
CA PHE B 39 -21.12 -2.01 6.56
C PHE B 39 -21.48 -3.24 5.70
N LEU B 40 -22.48 -4.00 6.13
CA LEU B 40 -22.95 -5.24 5.45
C LEU B 40 -23.23 -4.92 3.97
N ILE B 41 -24.02 -3.88 3.71
CA ILE B 41 -24.42 -3.44 2.33
C ILE B 41 -23.16 -3.21 1.48
N LEU B 42 -22.17 -2.50 2.03
CA LEU B 42 -20.98 -1.98 1.31
C LEU B 42 -20.12 -3.14 0.80
N LEU B 43 -19.71 -4.05 1.69
CA LEU B 43 -18.86 -5.23 1.37
C LEU B 43 -19.64 -6.25 0.54
N GLY B 44 -20.98 -6.13 0.50
CA GLY B 44 -21.85 -6.97 -0.34
C GLY B 44 -21.78 -6.56 -1.80
N SER B 45 -21.41 -5.30 -2.09
CA SER B 45 -21.43 -4.72 -3.46
C SER B 45 -20.64 -5.62 -4.40
N PRO B 46 -21.27 -6.21 -5.44
CA PRO B 46 -20.55 -7.00 -6.44
C PRO B 46 -19.66 -6.13 -7.37
N LYS B 47 -19.98 -4.84 -7.51
CA LYS B 47 -19.16 -3.82 -8.21
C LYS B 47 -17.84 -3.64 -7.44
N LEU B 48 -17.93 -3.38 -6.15
CA LEU B 48 -16.77 -3.20 -5.23
C LEU B 48 -15.91 -4.47 -5.29
N ARG B 49 -16.53 -5.65 -5.39
CA ARG B 49 -15.80 -6.95 -5.48
C ARG B 49 -15.12 -7.08 -6.84
N THR B 50 -15.75 -6.62 -7.93
CA THR B 50 -15.06 -6.54 -9.25
C THR B 50 -13.76 -5.75 -9.05
N LEU B 51 -13.87 -4.55 -8.46
CA LEU B 51 -12.74 -3.62 -8.21
C LEU B 51 -11.66 -4.29 -7.34
N ALA B 52 -12.04 -4.89 -6.21
CA ALA B 52 -11.11 -5.63 -5.32
C ALA B 52 -10.40 -6.79 -6.05
N ARG B 53 -11.13 -7.60 -6.83
CA ARG B 53 -10.54 -8.75 -7.57
C ARG B 53 -9.44 -8.28 -8.53
N GLY B 54 -9.59 -7.12 -9.15
CA GLY B 54 -8.60 -6.54 -10.07
C GLY B 54 -7.27 -6.27 -9.40
N LEU B 55 -7.24 -6.26 -8.06
CA LEU B 55 -6.03 -5.96 -7.26
C LEU B 55 -5.42 -7.25 -6.72
N SER B 56 -6.11 -8.39 -6.86
CA SER B 56 -5.54 -9.71 -6.48
C SER B 56 -4.27 -9.92 -7.31
N PRO B 57 -3.16 -10.44 -6.75
CA PRO B 57 -3.04 -10.73 -5.32
C PRO B 57 -2.64 -9.51 -4.49
N ALA B 58 -3.19 -9.46 -3.27
CA ALA B 58 -2.97 -8.37 -2.32
C ALA B 58 -3.46 -8.82 -0.94
N TYR B 59 -2.86 -8.27 0.11
CA TYR B 59 -3.40 -8.27 1.48
C TYR B 59 -4.53 -7.25 1.57
N LEU B 60 -5.55 -7.59 2.36
CA LEU B 60 -6.56 -6.62 2.88
C LEU B 60 -6.30 -6.52 4.37
N ARG B 61 -5.80 -5.37 4.84
CA ARG B 61 -5.56 -5.15 6.28
C ARG B 61 -6.83 -4.46 6.85
N PHE B 62 -7.49 -5.11 7.80
CA PHE B 62 -8.57 -4.51 8.62
C PHE B 62 -7.92 -3.98 9.89
N GLY B 63 -7.77 -2.67 10.00
CA GLY B 63 -7.21 -2.01 11.18
C GLY B 63 -7.29 -0.51 11.09
N GLY B 64 -6.85 0.16 12.16
CA GLY B 64 -6.80 1.62 12.27
C GLY B 64 -6.97 2.02 13.71
N THR B 65 -7.27 3.29 13.98
CA THR B 65 -7.39 3.78 15.37
C THR B 65 -8.35 2.87 16.15
N LYS B 66 -9.50 2.49 15.56
CA LYS B 66 -10.57 1.74 16.25
C LYS B 66 -10.15 0.31 16.57
N THR B 67 -9.03 -0.19 16.03
CA THR B 67 -8.51 -1.54 16.32
C THR B 67 -8.54 -1.78 17.84
N ASP B 68 -8.16 -0.76 18.61
CA ASP B 68 -7.99 -0.82 20.09
C ASP B 68 -9.21 -0.22 20.78
N PHE B 69 -10.34 -0.16 20.07
CA PHE B 69 -11.67 0.23 20.60
C PHE B 69 -12.78 -0.64 19.99
N LEU B 70 -12.46 -1.86 19.53
CA LEU B 70 -13.43 -2.86 19.05
C LEU B 70 -13.32 -4.11 19.92
N ILE B 71 -14.47 -4.63 20.39
CA ILE B 71 -14.59 -5.80 21.30
C ILE B 71 -15.53 -6.82 20.63
N PHE B 72 -15.03 -8.02 20.37
CA PHE B 72 -15.76 -9.13 19.71
C PHE B 72 -16.91 -9.58 20.60
N ASP B 73 -18.14 -9.59 20.06
CA ASP B 73 -19.35 -10.11 20.76
C ASP B 73 -19.87 -11.33 19.99
N PRO B 74 -19.60 -12.55 20.51
CA PRO B 74 -20.12 -13.77 19.89
C PRO B 74 -21.63 -13.94 20.14
N LYS B 75 -22.18 -13.13 21.05
CA LYS B 75 -23.62 -13.08 21.38
C LYS B 75 -24.33 -12.04 20.49
N LYS B 76 -23.64 -10.97 20.10
CA LYS B 76 -24.18 -9.91 19.20
C LYS B 76 -24.58 -10.55 17.88
N GLU B 77 -25.65 -10.03 17.27
CA GLU B 77 -26.35 -10.52 16.06
C GLU B 77 -25.34 -10.96 14.99
C1 NAG C . 7.31 26.97 -15.47
C2 NAG C . 6.73 28.02 -16.47
C3 NAG C . 7.59 29.30 -16.47
C4 NAG C . 7.65 29.81 -15.03
C5 NAG C . 8.44 28.77 -14.22
C6 NAG C . 8.68 29.22 -12.79
C7 NAG C . 5.41 26.97 -18.32
C8 NAG C . 5.46 26.31 -19.66
N2 NAG C . 6.59 27.43 -17.81
O3 NAG C . 7.12 30.32 -17.37
O4 NAG C . 8.16 31.14 -14.93
O5 NAG C . 7.69 27.53 -14.21
O6 NAG C . 10.05 29.63 -12.64
O7 NAG C . 4.35 27.04 -17.72
H1 NAG C . 8.21 26.55 -15.95
H2 NAG C . 5.73 28.29 -16.10
H3 NAG C . 8.61 29.02 -16.78
H4 NAG C . 6.62 29.81 -14.65
H5 NAG C . 9.41 28.61 -14.70
H61 NAG C . 8.48 28.39 -12.10
H62 NAG C . 8.02 30.04 -12.53
H81 NAG C . 5.92 25.36 -19.57
H82 NAG C . 4.47 26.18 -20.02
H83 NAG C . 6.00 26.90 -20.34
HN2 NAG C . 7.42 27.34 -18.37
HO3 NAG C . 7.52 31.06 -17.33
HO4 NAG C . 8.97 31.19 -14.33
HO6 NAG C . 10.26 30.19 -12.06
C1 EDO D . 9.96 -2.08 33.51
O1 EDO D . 8.55 -2.18 33.70
C2 EDO D . 10.38 -2.39 32.11
O2 EDO D . 10.22 -1.30 31.21
H11 EDO D . 10.41 -2.68 34.13
H12 EDO D . 10.23 -1.15 33.73
HO1 EDO D . 8.34 -2.02 34.50
H21 EDO D . 9.86 -3.15 31.79
H22 EDO D . 11.32 -2.65 32.12
HO2 EDO D . 9.61 -0.79 31.49
C1 QG2 E . -4.28 6.78 11.54
C2 QG2 E . -5.23 5.61 11.84
C3 QG2 E . -6.41 5.54 10.85
C4 QG2 E . -6.80 6.94 10.45
C5 QG2 E . -5.63 7.50 9.59
C6 QG2 E . -5.86 8.95 9.29
O7 QG2 E . -4.49 4.37 11.86
O8 QG2 E . -7.52 4.79 11.37
O9 QG2 E . -8.00 6.96 9.65
O10 QG2 E . -4.33 7.29 10.18
O11 QG2 E . -6.36 9.19 8.16
O12 QG2 E . -4.55 7.88 12.43
C13 QG2 E . -9.29 6.93 10.28
C14 QG2 E . -10.30 7.38 9.24
C15 QG2 E . -10.17 8.87 8.98
C16 QG2 E . -10.28 9.65 10.27
C17 QG2 E . -9.26 9.11 11.25
C18 QG2 E . -9.38 9.75 12.62
O19 QG2 E . -9.43 7.72 11.45
N20 QG2 E . -10.07 6.61 7.99
O21 QG2 E . -11.20 9.29 8.12
O22 QG2 E . -10.08 11.05 10.01
O23 QG2 E . -8.10 9.83 13.24
S24 QG2 E . -11.39 6.20 7.14
S25 QG2 E . -7.97 9.65 14.76
O26 QG2 E . -7.18 8.44 15.06
O27 QG2 E . -9.34 9.60 15.30
O28 QG2 E . -7.30 10.74 15.49
O29 QG2 E . -12.27 5.50 8.11
O30 QG2 E . -11.11 5.29 6.00
O31 QG2 E . -11.96 7.43 6.60
C32 QG2 E . -3.67 8.90 12.61
C33 QG2 E . -3.92 9.81 13.63
C34 QG2 E . -3.00 10.84 13.86
C35 QG2 E . -1.87 10.97 13.07
C36 QG2 E . -1.63 10.01 11.98
C37 QG2 E . -2.54 9.00 11.77
C38 QG2 E . -0.88 12.08 13.22
C39 QG2 E . 0.23 12.11 12.36
C40 QG2 E . 0.41 11.14 11.35
O41 QG2 E . -0.51 10.12 11.19
C42 QG2 E . -1.05 13.12 14.28
O43 QG2 E . 1.41 11.18 10.55
O44 QG2 E . -5.56 9.80 10.18
H1 QG2 E . -3.26 6.40 11.74
H2 QG2 E . -5.64 5.78 12.84
H3 QG2 E . -6.05 5.02 9.95
H4 QG2 E . -6.92 7.56 11.35
H5 QG2 E . -5.66 6.96 8.64
HO7 QG2 E . -3.77 4.58 12.63
HO8 QG2 E . -7.08 3.96 11.83
H13 QG2 E . -9.55 5.90 10.54
H14 QG2 E . -11.31 7.19 9.63
H15 QG2 E . -9.19 9.08 8.53
H16 QG2 E . -11.29 9.49 10.69
H17 QG2 E . -8.26 9.33 10.86
H181 QG2 E . -9.82 10.74 12.53
H18 QG2 E . -10.07 9.14 13.22
HN20 QG2 E . -9.40 7.12 7.37
HO21 QG2 E . -11.21 8.92 7.28
HO22 QG2 E . -10.87 11.36 9.45
H33 QG2 E . -4.80 9.70 14.26
H34 QG2 E . -3.22 11.55 14.65
H37 QG2 E . -2.33 8.28 11.00
H39 QG2 E . 0.96 12.90 12.47
H42 QG2 E . -2.07 13.35 14.41
H421 QG2 E . -0.54 14.01 13.98
H422 QG2 E . -0.63 12.77 15.19
S SO4 F . 4.83 -17.55 13.48
O1 SO4 F . 4.32 -18.68 14.21
O2 SO4 F . 3.74 -16.64 13.16
O3 SO4 F . 5.44 -18.04 12.26
O4 SO4 F . 5.82 -16.86 14.27
S SO4 G . 15.00 16.77 -13.01
O1 SO4 G . 14.53 15.88 -12.00
O2 SO4 G . 14.46 16.42 -14.28
O3 SO4 G . 16.44 16.69 -13.06
O4 SO4 G . 14.59 18.09 -12.68
S SO4 H . 10.29 20.14 3.34
O1 SO4 H . 9.25 19.53 2.56
O2 SO4 H . 9.80 20.46 4.66
O3 SO4 H . 10.75 21.34 2.68
O4 SO4 H . 11.40 19.23 3.47
S SO4 I . 22.30 -1.22 -3.63
O1 SO4 I . 20.89 -1.51 -3.91
O2 SO4 I . 22.44 -0.83 -2.26
O3 SO4 I . 23.11 -2.36 -3.83
O4 SO4 I . 22.74 -0.20 -4.52
S SO4 J . 11.38 22.63 -14.70
O1 SO4 J . 9.91 22.81 -14.67
O2 SO4 J . 11.76 21.84 -13.61
O3 SO4 J . 11.98 23.95 -14.55
O4 SO4 J . 11.85 22.08 -15.94
#